data_4QLO
#
_entry.id   4QLO
#
_cell.length_a   49.155
_cell.length_b   49.155
_cell.length_c   481.417
_cell.angle_alpha   90.00
_cell.angle_beta   90.00
_cell.angle_gamma   120.00
#
_symmetry.space_group_name_H-M   'P 61 2 2'
#
loop_
_entity.id
_entity.type
_entity.pdbx_description
1 polymer 'homoserine O-acetyltransferase'
2 water water
#
_entity_poly.entity_id   1
_entity_poly.type   'polypeptide(L)'
_entity_poly.pdbx_seq_one_letter_code
;MTNYTVDTLNLGEFITESGEVIDNLRLRYEHVGYHGQPLVVVCHALTGNHLTYGTDDYPGWWREIIDGGYIPIHDYQFLT
FDVIGSPFGSSSPLNDPHFPKKLTLRDIVRANERGIQALGYDKINILIGGSLGGMQAMELLYNQQFEVDKAIILAATSRT
SSYSRAFNEIARQAIHLGGKEGLSIARQLGFLTYRSSKSYDERFTPDEVVAYQQHQGNKFKEHFDLNCYLTLLDVLDSHN
IDRGRTDVTHVFKNLETKVLTMGFIDDLLYPDDQVRALGERFKYHRHFFVPDNVGHDGFLLNFSTWAPNLYHFLNLKHFK
RKDPAFLYKVVINSKLEGKPIPNPLLGLDSTRTGHHHHHH
;
_entity_poly.pdbx_strand_id   A
#
# COMPACT_ATOMS: atom_id res chain seq x y z
N ASN A 3 20.69 -2.57 12.56
CA ASN A 3 19.82 -2.55 13.78
C ASN A 3 18.37 -2.79 13.45
N TYR A 4 17.67 -3.42 14.36
CA TYR A 4 16.29 -3.70 14.16
C TYR A 4 15.47 -3.23 15.33
N THR A 5 14.53 -2.37 15.06
CA THR A 5 13.69 -1.83 16.08
C THR A 5 12.22 -1.97 15.75
N VAL A 6 11.47 -2.55 16.66
CA VAL A 6 10.02 -2.54 16.60
C VAL A 6 9.48 -1.91 17.88
N ASP A 7 8.75 -0.83 17.75
CA ASP A 7 8.27 -0.10 18.90
C ASP A 7 7.04 0.70 18.51
N THR A 8 6.53 1.47 19.48
CA THR A 8 5.28 2.18 19.34
C THR A 8 5.46 3.64 19.71
N LEU A 9 5.20 4.54 18.78
CA LEU A 9 5.08 5.97 19.09
C LEU A 9 3.79 6.30 19.88
N ASN A 10 3.86 7.32 20.75
CA ASN A 10 2.68 7.95 21.29
C ASN A 10 2.75 9.42 20.93
N LEU A 11 1.81 9.88 20.11
CA LEU A 11 1.91 11.19 19.45
C LEU A 11 0.76 12.12 19.77
N GLY A 12 0.02 11.83 20.83
CA GLY A 12 -1.04 12.72 21.31
C GLY A 12 -2.26 12.81 20.39
N GLU A 13 -2.81 14.02 20.28
CA GLU A 13 -4.15 14.22 19.76
C GLU A 13 -4.19 14.14 18.23
N PHE A 14 -5.18 13.38 17.74
CA PHE A 14 -5.40 13.21 16.33
C PHE A 14 -6.88 13.40 16.04
N ILE A 15 -7.15 14.26 15.06
CA ILE A 15 -8.49 14.55 14.59
C ILE A 15 -8.68 14.10 13.14
N THR A 16 -9.61 13.17 12.95
CA THR A 16 -9.92 12.66 11.62
C THR A 16 -10.66 13.70 10.79
N GLU A 17 -10.80 13.44 9.50
CA GLU A 17 -11.61 14.27 8.61
C GLU A 17 -13.05 14.40 9.10
N SER A 18 -13.55 13.37 9.78
CA SER A 18 -14.93 13.37 10.23
C SER A 18 -15.16 14.13 11.55
N GLY A 19 -14.12 14.76 12.07
CA GLY A 19 -14.22 15.47 13.34
C GLY A 19 -14.22 14.58 14.58
N GLU A 20 -13.60 13.41 14.49
CA GLU A 20 -13.50 12.48 15.61
C GLU A 20 -12.10 12.50 16.20
N VAL A 21 -11.98 12.13 17.46
CA VAL A 21 -10.72 12.34 18.19
C VAL A 21 -10.11 11.09 18.85
N ILE A 22 -8.81 10.91 18.63
CA ILE A 22 -8.01 9.97 19.42
C ILE A 22 -7.07 10.80 20.29
N ASP A 23 -7.19 10.64 21.60
CA ASP A 23 -6.40 11.42 22.56
C ASP A 23 -4.92 11.09 22.40
N ASN A 24 -4.60 9.80 22.35
CA ASN A 24 -3.22 9.34 22.20
C ASN A 24 -2.96 8.40 21.00
N LEU A 25 -2.77 9.02 19.84
CA LEU A 25 -2.43 8.33 18.60
C LEU A 25 -1.20 7.43 18.77
N ARG A 26 -1.41 6.12 18.59
CA ARG A 26 -0.34 5.14 18.64
C ARG A 26 -0.05 4.60 17.22
N LEU A 27 1.22 4.62 16.84
CA LEU A 27 1.67 4.06 15.55
C LEU A 27 2.73 2.99 15.81
N ARG A 28 2.40 1.73 15.58
CA ARG A 28 3.41 0.67 15.64
C ARG A 28 4.26 0.82 14.39
N TYR A 29 5.57 0.64 14.54
CA TYR A 29 6.48 0.74 13.39
C TYR A 29 7.60 -0.26 13.44
N GLU A 30 8.29 -0.40 12.31
CA GLU A 30 9.54 -1.15 12.23
C GLU A 30 10.58 -0.24 11.62
N HIS A 31 11.74 -0.13 12.28
CA HIS A 31 12.90 0.55 11.69
C HIS A 31 14.06 -0.43 11.51
N VAL A 32 14.81 -0.21 10.45
CA VAL A 32 15.94 -1.04 10.08
C VAL A 32 16.97 -0.26 9.28
N GLY A 33 18.21 -0.31 9.73
CA GLY A 33 19.27 0.38 9.03
C GLY A 33 20.05 1.32 9.91
N TYR A 34 20.80 2.22 9.30
CA TYR A 34 21.69 3.10 10.02
C TYR A 34 21.33 4.53 9.94
N HIS A 35 21.76 5.26 10.96
CA HIS A 35 21.34 6.61 11.17
C HIS A 35 21.25 7.45 9.92
N GLY A 36 22.32 7.49 9.16
CA GLY A 36 22.41 8.52 8.10
C GLY A 36 21.99 8.13 6.70
N GLN A 37 21.53 6.89 6.52
CA GLN A 37 21.35 6.32 5.18
C GLN A 37 20.14 6.90 4.47
N PRO A 38 20.07 6.74 3.13
CA PRO A 38 18.87 7.12 2.39
C PRO A 38 17.66 6.39 2.93
N LEU A 39 16.60 7.16 3.21
CA LEU A 39 15.38 6.62 3.79
C LEU A 39 14.49 6.05 2.71
N VAL A 40 13.99 4.84 2.96
CA VAL A 40 12.87 4.30 2.20
C VAL A 40 11.73 4.06 3.14
N VAL A 41 10.58 4.63 2.78
CA VAL A 41 9.33 4.42 3.50
C VAL A 41 8.44 3.52 2.68
N VAL A 42 8.08 2.39 3.27
CA VAL A 42 7.11 1.50 2.66
C VAL A 42 5.72 1.69 3.27
N CYS A 43 4.71 1.76 2.42
CA CYS A 43 3.33 1.85 2.84
C CYS A 43 2.70 0.51 2.55
N HIS A 44 2.29 -0.20 3.60
CA HIS A 44 1.76 -1.54 3.41
C HIS A 44 0.34 -1.53 2.88
N ALA A 45 -0.16 -2.71 2.51
CA ALA A 45 -1.48 -2.84 1.90
C ALA A 45 -2.52 -3.35 2.91
N LEU A 46 -3.78 -3.38 2.51
CA LEU A 46 -4.87 -3.62 3.47
C LEU A 46 -4.58 -4.72 4.47
N THR A 47 -4.00 -5.81 3.99
CA THR A 47 -3.91 -7.05 4.78
C THR A 47 -2.50 -7.25 5.35
N GLY A 48 -1.65 -6.24 5.18
CA GLY A 48 -0.29 -6.27 5.64
C GLY A 48 -0.06 -5.46 6.90
N ASN A 49 1.21 -5.19 7.20
CA ASN A 49 1.59 -4.50 8.41
C ASN A 49 3.00 -3.98 8.30
N HIS A 50 3.43 -3.29 9.36
CA HIS A 50 4.76 -2.72 9.47
C HIS A 50 5.93 -3.69 9.27
N LEU A 51 5.73 -4.97 9.49
CA LEU A 51 6.83 -5.89 9.47
C LEU A 51 7.38 -6.13 8.07
N THR A 52 8.08 -5.13 7.58
CA THR A 52 8.58 -5.14 6.22
C THR A 52 9.78 -6.03 6.03
N TYR A 53 10.72 -5.96 6.95
CA TYR A 53 11.93 -6.70 6.87
C TYR A 53 11.81 -7.91 7.74
N GLY A 54 11.19 -7.73 8.88
CA GLY A 54 11.02 -8.80 9.86
C GLY A 54 12.32 -9.35 10.46
N THR A 55 12.22 -10.57 10.94
CA THR A 55 13.27 -11.30 11.63
C THR A 55 13.94 -12.31 10.69
N ASP A 56 14.90 -13.07 11.19
CA ASP A 56 15.49 -14.12 10.38
C ASP A 56 14.59 -15.30 10.45
N ASP A 57 14.00 -15.50 11.61
CA ASP A 57 13.13 -16.61 11.78
C ASP A 57 11.73 -16.29 11.28
N TYR A 58 11.30 -15.05 11.38
CA TYR A 58 9.99 -14.69 10.87
C TYR A 58 10.08 -13.64 9.80
N PRO A 59 10.58 -14.08 8.56
CA PRO A 59 10.93 -12.99 7.65
C PRO A 59 9.76 -12.13 7.28
N GLY A 60 10.06 -10.97 6.74
CA GLY A 60 9.06 -9.94 6.49
C GLY A 60 8.49 -9.94 5.09
N TRP A 61 7.39 -9.21 4.94
CA TRP A 61 6.66 -9.16 3.70
C TRP A 61 7.63 -8.88 2.54
N TRP A 62 8.56 -7.95 2.75
CA TRP A 62 9.46 -7.50 1.69
C TRP A 62 10.86 -8.11 1.74
N ARG A 63 11.09 -9.05 2.65
CA ARG A 63 12.42 -9.53 2.92
C ARG A 63 13.12 -10.09 1.66
N GLU A 64 12.39 -10.83 0.85
CA GLU A 64 12.93 -11.46 -0.32
C GLU A 64 13.40 -10.44 -1.31
N ILE A 65 12.64 -9.39 -1.46
CA ILE A 65 13.03 -8.31 -2.32
C ILE A 65 14.26 -7.58 -1.83
N ILE A 66 14.44 -7.49 -0.52
CA ILE A 66 15.60 -6.81 0.02
C ILE A 66 16.85 -7.66 0.03
N ASP A 67 16.72 -8.91 0.44
CA ASP A 67 17.76 -9.93 0.30
C ASP A 67 18.28 -10.13 -1.13
N GLY A 68 17.37 -10.19 -2.09
CA GLY A 68 17.74 -10.27 -3.51
C GLY A 68 18.47 -9.06 -4.06
N GLY A 69 18.51 -7.97 -3.29
CA GLY A 69 19.37 -6.84 -3.59
C GLY A 69 18.74 -5.82 -4.51
N TYR A 70 17.42 -5.89 -4.64
CA TYR A 70 16.68 -4.95 -5.48
C TYR A 70 16.58 -3.59 -4.79
N ILE A 71 16.38 -3.62 -3.48
CA ILE A 71 16.62 -2.43 -2.65
C ILE A 71 17.41 -2.96 -1.46
N PRO A 72 18.75 -2.92 -1.58
CA PRO A 72 19.61 -3.66 -0.65
C PRO A 72 19.73 -3.01 0.72
N ILE A 73 19.80 -3.79 1.76
CA ILE A 73 19.93 -3.27 3.09
C ILE A 73 21.18 -2.45 3.31
N HIS A 74 22.22 -2.79 2.60
CA HIS A 74 23.45 -2.12 2.81
C HIS A 74 23.48 -0.70 2.37
N ASP A 75 22.62 -0.32 1.46
CA ASP A 75 22.61 1.05 1.01
C ASP A 75 21.45 1.87 1.50
N TYR A 76 20.53 1.23 2.19
CA TYR A 76 19.27 1.86 2.57
C TYR A 76 18.84 1.65 4.01
N GLN A 77 18.00 2.58 4.45
CA GLN A 77 17.38 2.62 5.78
C GLN A 77 15.87 2.53 5.55
N PHE A 78 15.20 1.66 6.30
CA PHE A 78 13.77 1.34 6.08
C PHE A 78 12.87 1.74 7.22
N LEU A 79 11.78 2.44 6.89
CA LEU A 79 10.73 2.75 7.87
C LEU A 79 9.32 2.44 7.35
N THR A 80 8.50 1.87 8.23
CA THR A 80 7.16 1.39 7.88
C THR A 80 6.25 1.50 9.08
N PHE A 81 5.10 2.14 8.89
CA PHE A 81 4.09 2.21 9.93
C PHE A 81 2.89 1.31 9.64
N ASP A 82 2.43 0.61 10.67
CA ASP A 82 1.13 -0.03 10.67
C ASP A 82 0.07 1.09 10.65
N VAL A 83 -0.66 1.19 9.54
CA VAL A 83 -1.74 2.12 9.42
C VAL A 83 -2.66 2.07 10.62
N ILE A 84 -3.19 3.22 11.01
CA ILE A 84 -4.27 3.25 12.02
C ILE A 84 -5.49 2.52 11.46
N GLY A 85 -6.20 1.82 12.34
CA GLY A 85 -7.26 0.91 11.93
C GLY A 85 -6.84 -0.53 11.69
N SER A 86 -5.56 -0.77 11.42
CA SER A 86 -5.05 -2.13 11.25
C SER A 86 -4.95 -2.79 12.60
N PRO A 87 -5.09 -4.13 12.66
CA PRO A 87 -5.09 -4.79 13.96
C PRO A 87 -3.71 -5.23 14.46
N PHE A 88 -2.62 -4.64 13.96
CA PHE A 88 -1.29 -5.12 14.34
C PHE A 88 -0.44 -4.14 15.18
N GLY A 89 -1.07 -3.19 15.88
CA GLY A 89 -0.36 -2.42 16.91
C GLY A 89 -0.70 -0.94 17.01
N SER A 90 -0.92 -0.29 15.88
CA SER A 90 -1.36 1.09 15.91
C SER A 90 -2.75 1.20 16.53
N SER A 91 -3.18 2.41 16.83
CA SER A 91 -4.55 2.64 17.27
C SER A 91 -5.53 1.99 16.31
N SER A 92 -6.42 1.15 16.83
CA SER A 92 -7.46 0.51 16.04
C SER A 92 -8.63 0.02 16.92
N PRO A 93 -9.75 -0.41 16.29
CA PRO A 93 -10.87 -0.99 17.04
C PRO A 93 -10.52 -2.20 17.93
N LEU A 94 -9.44 -2.90 17.60
CA LEU A 94 -8.95 -3.98 18.45
C LEU A 94 -8.32 -3.42 19.73
N ASN A 95 -7.64 -2.28 19.64
CA ASN A 95 -6.93 -1.64 20.77
C ASN A 95 -7.75 -0.61 21.51
N ASP A 96 -8.48 0.19 20.74
CA ASP A 96 -9.06 1.44 21.22
C ASP A 96 -10.58 1.38 21.26
N PRO A 97 -11.16 1.27 22.48
CA PRO A 97 -12.62 1.13 22.51
C PRO A 97 -13.40 2.40 22.07
N HIS A 98 -12.70 3.50 21.82
CA HIS A 98 -13.35 4.70 21.28
C HIS A 98 -12.76 5.09 19.96
N PHE A 99 -12.38 4.10 19.17
CA PHE A 99 -11.81 4.38 17.86
C PHE A 99 -12.92 4.98 16.99
N PRO A 100 -12.58 5.98 16.16
CA PRO A 100 -13.53 6.63 15.27
C PRO A 100 -14.39 5.68 14.42
N LYS A 101 -15.65 6.06 14.20
CA LYS A 101 -16.54 5.32 13.29
C LYS A 101 -16.15 5.52 11.83
N LYS A 102 -15.91 6.76 11.42
CA LYS A 102 -15.52 7.05 10.04
C LYS A 102 -14.03 7.43 9.95
N LEU A 103 -13.27 6.46 9.46
CA LEU A 103 -11.85 6.58 9.17
C LEU A 103 -11.70 6.66 7.67
N THR A 104 -10.83 7.53 7.18
CA THR A 104 -10.60 7.62 5.74
C THR A 104 -9.14 7.29 5.43
N LEU A 105 -8.79 7.21 4.17
CA LEU A 105 -7.39 6.99 3.82
C LEU A 105 -6.54 8.22 4.11
N ARG A 106 -7.05 9.39 3.74
CA ARG A 106 -6.37 10.65 4.07
C ARG A 106 -6.00 10.74 5.54
N ASP A 107 -6.84 10.21 6.43
CA ASP A 107 -6.51 10.14 7.85
C ASP A 107 -5.27 9.29 8.03
N ILE A 108 -5.29 8.09 7.48
CA ILE A 108 -4.24 7.13 7.72
C ILE A 108 -2.89 7.77 7.37
N VAL A 109 -2.88 8.49 6.27
CA VAL A 109 -1.71 9.15 5.77
C VAL A 109 -1.26 10.20 6.72
N ARG A 110 -2.19 10.98 7.19
CA ARG A 110 -1.82 12.15 7.90
C ARG A 110 -1.24 11.78 9.24
N ALA A 111 -1.67 10.65 9.76
CA ALA A 111 -1.09 10.08 10.97
C ALA A 111 0.32 9.59 10.71
N ASN A 112 0.52 8.89 9.60
CA ASN A 112 1.84 8.36 9.30
C ASN A 112 2.86 9.46 9.04
N GLU A 113 2.47 10.53 8.34
CA GLU A 113 3.42 11.63 8.15
C GLU A 113 3.88 12.24 9.50
N ARG A 114 2.97 12.33 10.47
CA ARG A 114 3.34 12.79 11.80
C ARG A 114 4.25 11.79 12.50
N GLY A 115 4.09 10.51 12.18
CA GLY A 115 4.95 9.46 12.74
C GLY A 115 6.32 9.50 12.12
N ILE A 116 6.39 9.84 10.84
CA ILE A 116 7.66 9.95 10.14
C ILE A 116 8.42 11.12 10.73
N GLN A 117 7.71 12.21 10.98
CA GLN A 117 8.34 13.38 11.59
C GLN A 117 8.63 13.22 13.08
N ALA A 118 7.80 12.49 13.81
CA ALA A 118 8.11 12.14 15.19
C ALA A 118 9.54 11.63 15.27
N LEU A 119 9.88 10.66 14.43
CA LEU A 119 11.26 10.20 14.23
C LEU A 119 11.83 11.20 13.24
N GLY A 120 13.07 11.63 13.41
CA GLY A 120 13.46 12.92 12.79
C GLY A 120 13.62 13.06 11.27
N TYR A 121 12.77 12.43 10.46
CA TYR A 121 13.02 12.41 9.01
C TYR A 121 12.33 13.51 8.27
N ASP A 122 12.95 13.83 7.15
CA ASP A 122 12.80 15.09 6.46
C ASP A 122 12.68 14.82 4.97
N LYS A 123 13.62 14.01 4.47
CA LYS A 123 13.62 13.56 3.10
C LYS A 123 13.24 12.09 3.11
N ILE A 124 12.63 11.66 2.01
CA ILE A 124 12.38 10.26 1.77
C ILE A 124 12.97 9.98 0.40
N ASN A 125 13.98 9.13 0.35
CA ASN A 125 14.64 8.87 -0.91
C ASN A 125 13.72 8.01 -1.80
N ILE A 126 13.15 6.95 -1.20
CA ILE A 126 12.27 6.02 -1.91
C ILE A 126 10.97 5.85 -1.15
N LEU A 127 9.89 6.35 -1.74
CA LEU A 127 8.53 6.08 -1.26
C LEU A 127 7.93 4.95 -2.09
N ILE A 128 7.51 3.86 -1.43
CA ILE A 128 6.98 2.70 -2.16
C ILE A 128 5.76 2.01 -1.53
N GLY A 129 4.79 1.66 -2.37
CA GLY A 129 3.61 0.95 -1.93
C GLY A 129 2.75 0.44 -3.07
N GLY A 130 2.09 -0.68 -2.81
CA GLY A 130 0.89 -1.06 -3.55
C GLY A 130 0.04 -1.77 -2.51
N SER A 131 -1.28 -1.69 -2.56
CA SER A 131 -2.07 -0.94 -3.50
C SER A 131 -2.82 0.10 -2.64
N LEU A 132 -3.33 -0.31 -1.49
CA LEU A 132 -3.56 0.61 -0.39
C LEU A 132 -2.23 1.33 -0.02
N GLY A 133 -1.10 0.64 -0.14
CA GLY A 133 0.20 1.28 0.05
C GLY A 133 0.37 2.38 -0.95
N GLY A 134 -0.05 2.10 -2.18
CA GLY A 134 0.10 3.02 -3.29
C GLY A 134 -0.82 4.21 -3.09
N MET A 135 -1.96 3.93 -2.47
CA MET A 135 -2.91 4.97 -2.13
C MET A 135 -2.33 5.92 -1.06
N GLN A 136 -1.73 5.33 -0.02
CA GLN A 136 -1.00 6.09 0.97
C GLN A 136 0.05 6.96 0.33
N ALA A 137 0.82 6.33 -0.55
CA ALA A 137 1.92 6.99 -1.22
C ALA A 137 1.48 8.23 -1.96
N MET A 138 0.45 8.10 -2.77
CA MET A 138 0.04 9.22 -3.63
C MET A 138 -0.48 10.37 -2.78
N GLU A 139 -1.21 10.06 -1.72
CA GLU A 139 -1.71 11.13 -0.86
C GLU A 139 -0.50 11.86 -0.28
N LEU A 140 0.37 11.09 0.38
CA LEU A 140 1.60 11.62 0.98
C LEU A 140 2.31 12.60 0.05
N LEU A 141 2.48 12.21 -1.21
CA LEU A 141 3.08 13.10 -2.20
C LEU A 141 2.31 14.41 -2.35
N TYR A 142 0.98 14.34 -2.21
CA TYR A 142 0.15 15.54 -2.35
C TYR A 142 0.26 16.49 -1.19
N ASN A 143 0.27 15.98 0.03
CA ASN A 143 0.44 16.85 1.20
C ASN A 143 1.73 17.66 1.11
N GLN A 144 2.74 17.04 0.49
CA GLN A 144 4.10 17.58 0.35
C GLN A 144 4.70 18.09 1.66
N GLN A 145 4.73 17.20 2.65
CA GLN A 145 5.41 17.46 3.90
C GLN A 145 6.89 17.07 3.79
N PHE A 146 7.25 16.40 2.70
CA PHE A 146 8.58 15.83 2.50
C PHE A 146 9.10 16.10 1.09
N GLU A 147 10.42 16.23 0.95
CA GLU A 147 11.07 16.18 -0.35
C GLU A 147 11.39 14.70 -0.61
N VAL A 148 10.80 14.14 -1.67
CA VAL A 148 10.95 12.72 -1.95
C VAL A 148 11.49 12.49 -3.36
N ASP A 149 12.63 11.80 -3.42
CA ASP A 149 13.36 11.68 -4.69
C ASP A 149 12.66 10.72 -5.66
N LYS A 150 12.40 9.51 -5.18
CA LYS A 150 11.88 8.44 -6.03
C LYS A 150 10.61 7.86 -5.44
N ALA A 151 9.60 7.63 -6.29
CA ALA A 151 8.32 7.01 -5.88
C ALA A 151 7.91 5.85 -6.78
N ILE A 152 7.56 4.72 -6.16
CA ILE A 152 7.03 3.55 -6.85
C ILE A 152 5.62 3.28 -6.36
N ILE A 153 4.66 3.40 -7.27
CA ILE A 153 3.24 3.16 -6.97
C ILE A 153 2.73 1.94 -7.75
N LEU A 154 2.32 0.90 -7.02
CA LEU A 154 1.89 -0.36 -7.65
C LEU A 154 0.41 -0.65 -7.44
N ALA A 155 -0.25 -1.10 -8.50
CA ALA A 155 -1.64 -1.51 -8.42
C ALA A 155 -2.48 -0.52 -7.61
N ALA A 156 -2.50 0.74 -8.02
CA ALA A 156 -3.46 1.70 -7.45
C ALA A 156 -3.70 2.85 -8.43
N THR A 157 -4.82 3.55 -8.24
CA THR A 157 -5.29 4.54 -9.18
C THR A 157 -5.68 5.79 -8.44
N SER A 158 -6.17 6.79 -9.17
CA SER A 158 -6.62 8.06 -8.61
C SER A 158 -7.83 7.98 -7.68
N ARG A 159 -8.69 6.99 -7.87
CA ARG A 159 -9.85 6.81 -6.99
CA ARG A 159 -9.88 6.82 -7.01
C ARG A 159 -10.40 5.38 -7.01
N THR A 160 -11.01 4.99 -5.91
CA THR A 160 -11.66 3.70 -5.83
C THR A 160 -12.73 3.60 -6.95
N SER A 161 -12.69 2.50 -7.71
CA SER A 161 -13.62 2.27 -8.82
C SER A 161 -14.97 1.74 -8.31
N SER A 162 -15.94 1.63 -9.20
CA SER A 162 -17.24 1.07 -8.86
C SER A 162 -17.10 -0.43 -8.71
N TYR A 163 -16.13 -0.99 -9.43
CA TYR A 163 -15.77 -2.37 -9.25
C TYR A 163 -15.37 -2.61 -7.81
N SER A 164 -14.50 -1.76 -7.28
CA SER A 164 -13.99 -1.92 -5.90
C SER A 164 -15.02 -1.62 -4.84
N ARG A 165 -15.92 -0.69 -5.10
CA ARG A 165 -16.96 -0.41 -4.13
C ARG A 165 -17.92 -1.57 -4.07
N ALA A 166 -18.21 -2.13 -5.25
CA ALA A 166 -19.04 -3.33 -5.34
C ALA A 166 -18.42 -4.48 -4.54
N PHE A 167 -17.12 -4.70 -4.78
CA PHE A 167 -16.37 -5.70 -4.04
C PHE A 167 -16.51 -5.45 -2.56
N ASN A 168 -16.22 -4.21 -2.17
CA ASN A 168 -16.16 -3.86 -0.75
C ASN A 168 -17.54 -3.97 -0.15
N GLU A 169 -18.58 -3.65 -0.92
CA GLU A 169 -19.95 -3.71 -0.35
C GLU A 169 -20.38 -5.19 -0.18
N ILE A 170 -20.16 -5.98 -1.24
CA ILE A 170 -20.41 -7.40 -1.18
C ILE A 170 -19.74 -8.00 0.04
N ALA A 171 -18.46 -7.72 0.23
CA ALA A 171 -17.75 -8.21 1.42
C ALA A 171 -18.40 -7.69 2.71
N ARG A 172 -18.77 -6.42 2.72
CA ARG A 172 -19.29 -5.81 3.91
C ARG A 172 -20.53 -6.59 4.32
N GLN A 173 -21.37 -6.89 3.35
CA GLN A 173 -22.67 -7.56 3.62
C GLN A 173 -22.48 -8.94 4.22
N ALA A 174 -21.57 -9.70 3.63
CA ALA A 174 -21.25 -11.05 4.10
C ALA A 174 -20.86 -11.06 5.56
N ILE A 175 -20.18 -10.00 5.99
CA ILE A 175 -19.67 -9.91 7.36
C ILE A 175 -20.80 -9.64 8.33
N HIS A 176 -21.72 -8.75 7.95
CA HIS A 176 -22.95 -8.53 8.71
C HIS A 176 -23.67 -9.86 8.91
N LEU A 177 -24.02 -10.51 7.80
CA LEU A 177 -24.73 -11.79 7.86
C LEU A 177 -24.04 -12.91 8.61
N GLY A 178 -22.71 -12.97 8.53
CA GLY A 178 -21.97 -14.14 9.05
C GLY A 178 -20.82 -13.95 10.03
N GLY A 179 -20.51 -12.71 10.41
CA GLY A 179 -19.40 -12.47 11.32
C GLY A 179 -18.10 -13.00 10.75
N LYS A 180 -17.41 -13.82 11.52
CA LYS A 180 -16.17 -14.45 11.11
C LYS A 180 -16.36 -15.13 9.77
N GLU A 181 -17.46 -15.86 9.62
CA GLU A 181 -17.70 -16.59 8.37
C GLU A 181 -17.70 -15.66 7.16
N GLY A 182 -18.20 -14.43 7.35
CA GLY A 182 -18.18 -13.42 6.30
C GLY A 182 -16.78 -13.04 5.93
N LEU A 183 -15.87 -13.04 6.91
CA LEU A 183 -14.47 -12.78 6.64
C LEU A 183 -13.88 -13.77 5.64
N SER A 184 -14.26 -15.05 5.73
CA SER A 184 -13.79 -16.05 4.74
C SER A 184 -14.19 -15.63 3.34
N ILE A 185 -15.46 -15.34 3.17
CA ILE A 185 -15.98 -14.93 1.87
C ILE A 185 -15.21 -13.72 1.39
N ALA A 186 -15.15 -12.67 2.21
CA ALA A 186 -14.39 -11.46 1.88
C ALA A 186 -13.02 -11.82 1.34
N ARG A 187 -12.35 -12.75 2.01
CA ARG A 187 -11.05 -13.24 1.60
C ARG A 187 -11.13 -13.99 0.26
N GLN A 188 -12.01 -14.98 0.18
CA GLN A 188 -12.24 -15.74 -1.05
C GLN A 188 -12.60 -14.83 -2.22
N LEU A 189 -13.21 -13.72 -1.92
CA LEU A 189 -13.70 -12.86 -2.95
C LEU A 189 -12.63 -12.36 -3.85
N GLY A 190 -11.41 -12.33 -3.37
CA GLY A 190 -10.32 -11.76 -4.12
C GLY A 190 -9.92 -12.50 -5.35
N PHE A 191 -10.22 -13.79 -5.39
CA PHE A 191 -9.89 -14.59 -6.55
C PHE A 191 -10.67 -14.21 -7.79
N LEU A 192 -11.79 -13.54 -7.59
CA LEU A 192 -12.68 -13.18 -8.70
C LEU A 192 -12.29 -11.90 -9.42
N THR A 193 -11.22 -11.23 -8.98
CA THR A 193 -10.88 -9.88 -9.46
C THR A 193 -9.80 -9.82 -10.55
N TYR A 194 -9.34 -10.98 -11.03
CA TYR A 194 -8.23 -11.02 -11.97
C TYR A 194 -8.15 -12.38 -12.67
N ARG A 195 -7.48 -12.40 -13.82
CA ARG A 195 -7.27 -13.64 -14.55
C ARG A 195 -5.97 -14.34 -14.12
N SER A 196 -6.09 -15.63 -13.79
CA SER A 196 -4.94 -16.47 -13.51
C SER A 196 -4.46 -17.12 -14.81
N SER A 197 -3.15 -17.10 -15.06
CA SER A 197 -2.60 -17.62 -16.33
C SER A 197 -2.28 -19.11 -16.23
N LYS A 198 -1.06 -19.52 -16.61
CA LYS A 198 -0.60 -20.90 -16.46
C LYS A 198 -0.71 -21.43 -15.03
N SER A 199 -1.26 -20.64 -14.10
CA SER A 199 -1.76 -21.16 -12.82
C SER A 199 -2.91 -22.12 -13.07
N TYR A 200 -3.65 -21.86 -14.13
CA TYR A 200 -4.72 -22.73 -14.49
C TYR A 200 -4.15 -24.02 -14.89
N ASP A 201 -3.02 -23.94 -15.57
CA ASP A 201 -2.25 -25.10 -15.93
C ASP A 201 -1.80 -25.87 -14.71
N GLU A 202 -0.92 -25.26 -13.94
CA GLU A 202 -0.28 -25.93 -12.78
C GLU A 202 -1.32 -26.42 -11.77
N ARG A 203 -2.09 -25.48 -11.24
CA ARG A 203 -3.20 -25.83 -10.38
C ARG A 203 -4.35 -26.20 -11.29
N PHE A 204 -4.33 -27.43 -11.81
CA PHE A 204 -5.56 -28.04 -12.31
C PHE A 204 -6.58 -27.96 -11.17
N THR A 205 -6.84 -29.08 -10.48
CA THR A 205 -7.36 -29.05 -9.11
C THR A 205 -8.52 -28.07 -8.80
N PRO A 206 -9.49 -27.86 -9.73
CA PRO A 206 -10.65 -27.20 -9.15
C PRO A 206 -11.31 -28.25 -8.27
N ASP A 207 -11.88 -27.75 -7.19
CA ASP A 207 -12.11 -28.54 -6.05
C ASP A 207 -10.90 -28.33 -5.15
N GLU A 208 -9.75 -28.12 -5.77
CA GLU A 208 -8.51 -27.98 -5.03
C GLU A 208 -8.02 -26.55 -5.00
N VAL A 209 -8.58 -25.75 -5.85
CA VAL A 209 -8.42 -24.35 -5.74
C VAL A 209 -9.46 -23.97 -4.72
N VAL A 210 -10.66 -24.41 -4.96
CA VAL A 210 -11.73 -24.09 -4.05
C VAL A 210 -11.41 -24.51 -2.61
N ALA A 211 -10.73 -25.63 -2.48
CA ALA A 211 -10.37 -26.15 -1.19
C ALA A 211 -9.26 -25.34 -0.58
N TYR A 212 -8.49 -24.68 -1.42
CA TYR A 212 -7.39 -23.88 -0.96
C TYR A 212 -7.94 -22.54 -0.57
N GLN A 213 -8.83 -22.04 -1.38
CA GLN A 213 -9.58 -20.81 -1.06
C GLN A 213 -10.22 -20.89 0.33
N GLN A 214 -10.87 -22.00 0.59
CA GLN A 214 -11.54 -22.19 1.83
C GLN A 214 -10.56 -22.19 2.94
N HIS A 215 -9.40 -22.73 2.68
CA HIS A 215 -8.41 -22.88 3.71
C HIS A 215 -7.76 -21.55 4.04
N GLN A 216 -7.56 -20.73 3.04
CA GLN A 216 -7.04 -19.40 3.25
C GLN A 216 -8.04 -18.52 3.93
N GLY A 217 -9.29 -18.70 3.57
CA GLY A 217 -10.35 -17.95 4.17
C GLY A 217 -10.50 -18.26 5.62
N ASN A 218 -10.46 -19.54 5.96
CA ASN A 218 -10.63 -19.97 7.33
C ASN A 218 -9.53 -19.52 8.26
N LYS A 219 -8.31 -19.48 7.74
CA LYS A 219 -7.21 -19.01 8.53
C LYS A 219 -7.45 -17.56 8.80
N PHE A 220 -7.61 -16.80 7.73
CA PHE A 220 -7.83 -15.36 7.80
C PHE A 220 -8.92 -14.96 8.81
N LYS A 221 -10.05 -15.65 8.79
CA LYS A 221 -11.13 -15.31 9.70
C LYS A 221 -10.77 -15.49 11.19
N GLU A 222 -9.75 -16.31 11.49
CA GLU A 222 -9.29 -16.53 12.87
C GLU A 222 -8.20 -15.55 13.35
N HIS A 223 -7.47 -14.93 12.42
CA HIS A 223 -6.30 -14.11 12.78
C HIS A 223 -6.40 -12.59 12.51
N PHE A 224 -7.40 -12.15 11.76
CA PHE A 224 -7.54 -10.74 11.42
C PHE A 224 -8.81 -10.19 12.02
N ASP A 225 -8.68 -9.30 13.02
CA ASP A 225 -9.85 -8.77 13.73
C ASP A 225 -10.90 -8.20 12.77
N LEU A 226 -12.16 -8.52 13.06
CA LEU A 226 -13.29 -8.21 12.18
C LEU A 226 -13.63 -6.71 12.08
N ASN A 227 -13.79 -6.07 13.24
CA ASN A 227 -14.04 -4.62 13.28
C ASN A 227 -12.98 -3.83 12.52
N CYS A 228 -11.72 -4.21 12.68
CA CYS A 228 -10.65 -3.53 11.97
C CYS A 228 -10.83 -3.68 10.45
N TYR A 229 -11.21 -4.90 10.02
CA TYR A 229 -11.42 -5.16 8.61
C TYR A 229 -12.52 -4.25 8.06
N LEU A 230 -13.64 -4.12 8.77
CA LEU A 230 -14.72 -3.23 8.31
C LEU A 230 -14.24 -1.79 8.23
N THR A 231 -13.43 -1.39 9.21
CA THR A 231 -12.83 -0.07 9.23
C THR A 231 -12.03 0.16 7.95
N LEU A 232 -11.12 -0.77 7.65
CA LEU A 232 -10.27 -0.64 6.46
C LEU A 232 -11.06 -0.70 5.14
N LEU A 233 -12.22 -1.36 5.13
CA LEU A 233 -13.11 -1.32 3.96
C LEU A 233 -13.62 0.09 3.68
N ASP A 234 -13.95 0.84 4.73
CA ASP A 234 -14.30 2.26 4.60
C ASP A 234 -13.10 3.04 4.07
N VAL A 235 -11.92 2.75 4.61
CA VAL A 235 -10.72 3.42 4.12
C VAL A 235 -10.64 3.31 2.61
N LEU A 236 -10.66 2.10 2.06
CA LEU A 236 -10.68 1.92 0.61
C LEU A 236 -11.80 2.71 -0.07
N ASP A 237 -13.01 2.61 0.45
CA ASP A 237 -14.15 3.30 -0.16
C ASP A 237 -13.95 4.81 -0.21
N SER A 238 -13.19 5.33 0.75
CA SER A 238 -12.88 6.76 0.84
C SER A 238 -11.76 7.26 -0.08
N HIS A 239 -11.04 6.35 -0.75
CA HIS A 239 -9.91 6.78 -1.57
C HIS A 239 -10.33 7.56 -2.81
N ASN A 240 -9.85 8.80 -2.89
CA ASN A 240 -9.94 9.62 -4.11
C ASN A 240 -9.11 10.87 -3.94
N ILE A 241 -8.01 10.96 -4.69
CA ILE A 241 -7.09 12.09 -4.53
C ILE A 241 -7.72 13.41 -4.91
N ASP A 242 -8.68 13.39 -5.83
CA ASP A 242 -9.27 14.62 -6.34
C ASP A 242 -10.40 15.18 -5.49
N ARG A 243 -10.96 14.36 -4.60
CA ARG A 243 -12.09 14.80 -3.77
C ARG A 243 -11.78 16.13 -3.08
N GLY A 244 -12.73 17.07 -3.14
CA GLY A 244 -12.58 18.38 -2.54
C GLY A 244 -11.37 19.16 -3.02
N ARG A 245 -10.84 18.80 -4.19
CA ARG A 245 -9.56 19.34 -4.65
C ARG A 245 -9.56 19.64 -6.13
N THR A 246 -8.83 20.68 -6.50
CA THR A 246 -8.86 21.22 -7.86
C THR A 246 -7.48 21.14 -8.55
N ASP A 247 -6.42 21.02 -7.74
CA ASP A 247 -5.06 21.30 -8.17
C ASP A 247 -4.14 20.07 -8.11
N VAL A 248 -4.72 18.89 -8.05
CA VAL A 248 -3.93 17.69 -7.84
C VAL A 248 -2.88 17.54 -8.92
N THR A 249 -3.32 17.52 -10.18
CA THR A 249 -2.40 17.38 -11.29
C THR A 249 -1.36 18.48 -11.26
N HIS A 250 -1.79 19.71 -11.01
CA HIS A 250 -0.89 20.87 -10.98
C HIS A 250 0.24 20.65 -10.00
N VAL A 251 -0.11 20.22 -8.80
CA VAL A 251 0.87 19.92 -7.78
C VAL A 251 1.85 18.91 -8.34
N PHE A 252 1.32 17.75 -8.73
CA PHE A 252 2.12 16.64 -9.28
C PHE A 252 3.03 17.02 -10.44
N LYS A 253 2.56 17.97 -11.25
CA LYS A 253 3.33 18.47 -12.40
C LYS A 253 4.49 19.41 -12.02
N ASN A 254 4.47 19.97 -10.80
CA ASN A 254 5.57 20.77 -10.28
C ASN A 254 6.35 20.05 -9.16
N LEU A 255 6.09 18.75 -8.99
CA LEU A 255 6.87 17.92 -8.08
C LEU A 255 8.02 17.31 -8.86
N GLU A 256 9.20 17.36 -8.26
CA GLU A 256 10.44 16.95 -8.92
C GLU A 256 10.64 15.44 -8.78
N THR A 257 9.81 14.82 -7.96
CA THR A 257 9.84 13.38 -7.72
C THR A 257 9.73 12.54 -8.98
N LYS A 258 10.54 11.49 -9.03
CA LYS A 258 10.50 10.55 -10.12
C LYS A 258 9.56 9.42 -9.73
N VAL A 259 8.49 9.30 -10.51
CA VAL A 259 7.43 8.36 -10.22
C VAL A 259 7.48 7.16 -11.17
N LEU A 260 7.47 5.96 -10.61
CA LEU A 260 7.25 4.73 -11.37
C LEU A 260 5.89 4.18 -11.02
N THR A 261 5.05 3.96 -12.03
CA THR A 261 3.80 3.24 -11.82
C THR A 261 3.93 1.86 -12.37
N MET A 262 3.42 0.89 -11.62
CA MET A 262 3.39 -0.49 -12.05
C MET A 262 1.95 -0.97 -12.05
N GLY A 263 1.53 -1.57 -13.16
CA GLY A 263 0.21 -2.15 -13.29
C GLY A 263 0.34 -3.57 -13.77
N PHE A 264 -0.62 -4.40 -13.37
CA PHE A 264 -0.56 -5.85 -13.56
C PHE A 264 -1.58 -6.33 -14.60
N ILE A 265 -1.31 -7.49 -15.19
CA ILE A 265 -2.12 -7.98 -16.32
C ILE A 265 -3.53 -8.46 -15.92
N ASP A 266 -4.52 -8.10 -16.72
CA ASP A 266 -5.90 -8.61 -16.56
C ASP A 266 -6.43 -8.43 -15.13
N ASP A 267 -6.21 -7.26 -14.56
CA ASP A 267 -6.68 -6.96 -13.22
C ASP A 267 -7.88 -6.01 -13.29
N LEU A 268 -9.02 -6.45 -12.76
CA LEU A 268 -10.24 -5.66 -12.71
C LEU A 268 -10.30 -4.67 -11.52
N LEU A 269 -9.51 -4.91 -10.48
CA LEU A 269 -9.55 -4.05 -9.30
C LEU A 269 -8.73 -2.79 -9.58
N TYR A 270 -7.59 -2.97 -10.24
CA TYR A 270 -6.62 -1.90 -10.47
C TYR A 270 -6.09 -1.94 -11.91
N PRO A 271 -6.94 -1.57 -12.89
CA PRO A 271 -6.57 -1.85 -14.28
C PRO A 271 -5.35 -1.07 -14.73
N ASP A 272 -4.44 -1.77 -15.39
CA ASP A 272 -3.22 -1.21 -15.93
C ASP A 272 -3.49 0.13 -16.59
N ASP A 273 -4.45 0.13 -17.49
CA ASP A 273 -5.01 1.35 -18.08
C ASP A 273 -4.96 2.55 -17.11
N GLN A 274 -5.52 2.39 -15.91
CA GLN A 274 -5.70 3.51 -14.97
C GLN A 274 -4.53 3.80 -14.05
N VAL A 275 -3.75 2.80 -13.69
CA VAL A 275 -2.56 3.06 -12.87
C VAL A 275 -1.53 3.85 -13.74
N ARG A 276 -1.35 3.45 -14.99
CA ARG A 276 -0.51 4.21 -15.91
C ARG A 276 -0.98 5.67 -16.00
N ALA A 277 -2.29 5.89 -16.17
CA ALA A 277 -2.83 7.24 -16.29
C ALA A 277 -2.62 8.09 -15.02
N LEU A 278 -2.53 7.45 -13.85
CA LEU A 278 -2.16 8.17 -12.62
C LEU A 278 -0.69 8.62 -12.63
N GLY A 279 0.20 7.73 -13.08
CA GLY A 279 1.62 8.08 -13.27
C GLY A 279 1.77 9.34 -14.11
N GLU A 280 1.13 9.33 -15.28
CA GLU A 280 1.24 10.40 -16.27
C GLU A 280 0.75 11.76 -15.75
N ARG A 281 0.24 11.81 -14.53
CA ARG A 281 -0.17 13.09 -13.96
C ARG A 281 1.01 13.84 -13.38
N PHE A 282 2.15 13.17 -13.25
CA PHE A 282 3.33 13.77 -12.62
C PHE A 282 4.27 14.45 -13.62
N LYS A 283 5.21 15.27 -13.13
CA LYS A 283 6.21 15.91 -14.00
C LYS A 283 7.12 14.82 -14.55
N TYR A 284 7.72 14.06 -13.65
CA TYR A 284 8.60 12.97 -14.03
C TYR A 284 7.88 11.66 -13.73
N HIS A 285 7.63 10.85 -14.76
CA HIS A 285 6.84 9.64 -14.60
C HIS A 285 7.26 8.53 -15.54
N ARG A 286 6.98 7.29 -15.15
CA ARG A 286 7.21 6.16 -16.03
C ARG A 286 6.31 5.00 -15.62
N HIS A 287 6.08 4.08 -16.56
CA HIS A 287 5.21 2.94 -16.31
C HIS A 287 5.85 1.59 -16.65
N PHE A 288 5.60 0.58 -15.83
CA PHE A 288 5.93 -0.79 -16.17
C PHE A 288 4.65 -1.60 -16.14
N PHE A 289 4.42 -2.34 -17.21
CA PHE A 289 3.34 -3.30 -17.32
C PHE A 289 3.85 -4.68 -16.95
N VAL A 290 3.39 -5.25 -15.84
CA VAL A 290 3.87 -6.56 -15.42
C VAL A 290 2.93 -7.65 -15.95
N PRO A 291 3.46 -8.59 -16.77
CA PRO A 291 2.70 -9.61 -17.52
C PRO A 291 2.28 -10.89 -16.78
N ASP A 292 2.21 -10.87 -15.45
CA ASP A 292 1.76 -12.00 -14.66
C ASP A 292 0.98 -11.40 -13.51
N ASN A 293 0.12 -12.18 -12.86
CA ASN A 293 -0.75 -11.63 -11.81
C ASN A 293 -1.33 -12.76 -10.96
N VAL A 294 -0.81 -12.88 -9.74
CA VAL A 294 -1.34 -13.83 -8.77
C VAL A 294 -2.36 -13.16 -7.84
N GLY A 295 -2.82 -11.97 -8.23
CA GLY A 295 -3.78 -11.21 -7.47
C GLY A 295 -3.24 -9.99 -6.74
N HIS A 296 -4.01 -8.92 -6.72
CA HIS A 296 -3.56 -7.69 -6.09
C HIS A 296 -3.07 -7.97 -4.69
N ASP A 297 -3.63 -8.98 -4.08
CA ASP A 297 -3.35 -9.25 -2.68
C ASP A 297 -1.96 -9.85 -2.51
N GLY A 298 -1.44 -10.43 -3.57
CA GLY A 298 -0.16 -11.13 -3.56
C GLY A 298 0.90 -10.62 -4.53
N PHE A 299 0.84 -9.35 -4.90
CA PHE A 299 1.86 -8.77 -5.79
C PHE A 299 3.30 -8.89 -5.29
N LEU A 300 3.48 -9.10 -3.99
CA LEU A 300 4.81 -9.37 -3.44
C LEU A 300 5.29 -10.74 -3.85
N LEU A 301 4.37 -11.70 -3.87
CA LEU A 301 4.73 -13.08 -4.18
C LEU A 301 5.33 -13.27 -5.59
N ASN A 302 4.88 -12.49 -6.57
CA ASN A 302 5.43 -12.58 -7.93
C ASN A 302 6.45 -11.49 -8.26
N PHE A 303 7.29 -11.14 -7.29
CA PHE A 303 8.29 -10.09 -7.46
C PHE A 303 9.29 -10.35 -8.56
N SER A 304 9.53 -11.62 -8.85
CA SER A 304 10.42 -12.03 -9.94
C SER A 304 10.08 -11.31 -11.25
N THR A 305 8.80 -11.04 -11.47
CA THR A 305 8.35 -10.52 -12.75
C THR A 305 8.43 -9.01 -12.84
N TRP A 306 8.61 -8.34 -11.69
CA TRP A 306 8.67 -6.86 -11.66
C TRP A 306 9.83 -6.23 -10.92
N ALA A 307 10.43 -6.92 -9.96
CA ALA A 307 11.52 -6.33 -9.18
C ALA A 307 12.72 -5.85 -10.00
N PRO A 308 13.08 -6.56 -11.08
CA PRO A 308 14.23 -6.13 -11.88
C PRO A 308 14.03 -4.80 -12.58
N ASN A 309 12.77 -4.46 -12.88
CA ASN A 309 12.45 -3.16 -13.48
C ASN A 309 12.47 -2.09 -12.40
N LEU A 310 12.08 -2.46 -11.19
CA LEU A 310 12.29 -1.60 -10.04
C LEU A 310 13.76 -1.21 -9.96
N TYR A 311 14.61 -2.23 -9.83
CA TYR A 311 16.06 -2.04 -9.77
C TYR A 311 16.54 -1.15 -10.89
N HIS A 312 16.03 -1.38 -12.09
CA HIS A 312 16.37 -0.54 -13.23
C HIS A 312 16.02 0.92 -12.91
N PHE A 313 14.80 1.12 -12.40
CA PHE A 313 14.30 2.46 -12.05
C PHE A 313 15.15 3.09 -10.96
N LEU A 314 15.41 2.33 -9.90
CA LEU A 314 16.24 2.82 -8.79
C LEU A 314 17.60 3.32 -9.23
N ASN A 315 18.08 2.85 -10.36
CA ASN A 315 19.39 3.18 -10.80
C ASN A 315 19.54 4.29 -11.82
N LEU A 316 18.58 5.19 -11.80
CA LEU A 316 18.74 6.47 -12.44
C LEU A 316 19.61 7.40 -11.58
N LYS A 317 20.52 8.06 -12.26
CA LYS A 317 21.62 8.77 -11.67
C LYS A 317 22.11 9.43 -12.90
N HIS A 318 21.14 9.77 -13.71
CA HIS A 318 21.26 10.69 -14.83
C HIS A 318 20.49 11.91 -14.34
N PHE A 319 21.07 13.09 -14.49
CA PHE A 319 20.42 14.30 -13.98
C PHE A 319 19.09 14.48 -14.72
N LYS A 320 18.09 15.02 -14.05
CA LYS A 320 16.76 15.17 -14.64
C LYS A 320 16.86 15.98 -15.96
N ARG A 321 16.25 15.49 -17.02
CA ARG A 321 16.16 16.26 -18.28
C ARG A 321 14.80 16.98 -18.30
N LYS A 322 14.78 18.22 -18.81
CA LYS A 322 13.66 19.14 -18.55
C LYS A 322 12.41 18.92 -19.42
N ASP A 323 12.45 17.95 -20.35
CA ASP A 323 11.24 17.33 -20.96
C ASP A 323 10.91 17.70 -22.41
N PRO A 324 11.08 18.97 -22.82
CA PRO A 324 11.00 19.23 -24.26
C PRO A 324 12.02 18.44 -25.11
N ALA A 325 13.07 17.93 -24.45
CA ALA A 325 13.99 16.95 -25.05
C ALA A 325 13.30 15.61 -25.37
N PHE A 326 12.18 15.34 -24.72
CA PHE A 326 11.41 14.14 -25.01
C PHE A 326 10.42 14.24 -26.15
N LEU A 327 10.18 15.44 -26.66
CA LEU A 327 9.36 15.57 -27.86
C LEU A 327 10.21 14.95 -28.93
N TYR A 328 10.39 13.65 -28.87
CA TYR A 328 11.31 13.05 -29.80
C TYR A 328 11.49 11.52 -29.62
N LYS A 329 10.41 10.78 -29.52
CA LYS A 329 9.08 11.32 -29.43
C LYS A 329 8.65 11.18 -27.99
#